data_3GX7
#
_entry.id   3GX7
#
_cell.length_a   62.630
_cell.length_b   62.630
_cell.length_c   159.615
_cell.angle_alpha   90.00
_cell.angle_beta   90.00
_cell.angle_gamma   90.00
#
_symmetry.space_group_name_H-M   'P 43 21 2'
#
loop_
_entity.id
_entity.type
_entity.pdbx_description
1 polymer 'RNA (94-MER)'
2 non-polymer S-ADENOSYLMETHIONINE
3 non-polymer 'MAGNESIUM ION'
#
_entity_poly.entity_id   1
_entity_poly.type   'polyribonucleotide'
_entity_poly.pdbx_seq_one_letter_code
;GGCUUCGCAAGAGAGGUGGAGGGACUGGCCCGACGAAACCCGGCAACCAGAAAUGGUGCCAAUUCCUGCAGCGGAAACGU
UGAAAGCGGAGCCG
;
_entity_poly.pdbx_strand_id   A
#
loop_
_chem_comp.id
_chem_comp.type
_chem_comp.name
_chem_comp.formula
A RNA linking ADENOSINE-5'-MONOPHOSPHATE 'C10 H14 N5 O7 P'
C RNA linking CYTIDINE-5'-MONOPHOSPHATE 'C9 H14 N3 O8 P'
G RNA linking GUANOSINE-5'-MONOPHOSPHATE 'C10 H14 N5 O8 P'
MG non-polymer 'MAGNESIUM ION' 'Mg 2'
SAM non-polymer S-ADENOSYLMETHIONINE 'C15 H22 N6 O5 S'
U RNA linking URIDINE-5'-MONOPHOSPHATE 'C9 H13 N2 O9 P'
#
# COMPACT_ATOMS: atom_id res chain seq x y z
N SAM B . -0.38 -1.78 -2.24
CA SAM B . -0.10 -2.26 -0.89
C SAM B . -1.36 -2.79 -0.24
O SAM B . -1.45 -2.87 1.00
OXT SAM B . -2.33 -3.15 -0.92
CB SAM B . 0.53 -1.17 -0.01
CG SAM B . 0.34 0.25 -0.53
SD SAM B . 0.95 1.54 0.58
CE SAM B . 0.74 0.76 2.19
C5' SAM B . -0.46 2.68 0.56
C4' SAM B . -0.48 3.47 -0.74
O4' SAM B . -0.43 2.54 -1.80
C3' SAM B . -1.74 4.27 -0.96
O3' SAM B . -1.53 5.61 -0.59
C2' SAM B . -1.96 4.17 -2.46
O2' SAM B . -1.59 5.39 -3.08
C1' SAM B . -1.06 3.05 -2.96
N9 SAM B . -1.89 1.98 -3.53
C8 SAM B . -1.82 1.51 -4.82
N7 SAM B . -2.75 0.52 -4.97
C5 SAM B . -3.41 0.37 -3.81
C6 SAM B . -4.45 -0.47 -3.41
N6 SAM B . -4.97 -1.36 -4.27
N1 SAM B . -4.94 -0.40 -2.13
C2 SAM B . -4.41 0.51 -1.25
N3 SAM B . -3.38 1.35 -1.64
C4 SAM B . -2.88 1.27 -2.90
MG MG C . 14.14 -25.83 8.32
MG MG D . 16.92 5.93 20.50
MG MG E . 10.58 5.32 13.40
MG MG F . 12.80 -1.06 6.74
MG MG G . 1.47 -5.38 7.26
MG MG H . -8.71 -3.96 -10.42
#